data_2HK4
#
_entry.id   2HK4
#
_entity_poly.entity_id   1
_entity_poly.type   'polydeoxyribonucleotide'
_entity_poly.pdbx_seq_one_letter_code
;(DC)(DC)(DG)(DT)(DC)(DC)(DG)(DT)
;
_entity_poly.pdbx_strand_id   A,B
#
loop_
_chem_comp.id
_chem_comp.type
_chem_comp.name
_chem_comp.formula
DC DNA linking 2'-DEOXYCYTIDINE-5'-MONOPHOSPHATE 'C9 H14 N3 O7 P'
DG DNA linking 2'-DEOXYGUANOSINE-5'-MONOPHOSPHATE 'C10 H14 N5 O7 P'
DT DNA linking THYMIDINE-5'-MONOPHOSPHATE 'C10 H15 N2 O8 P'
#